data_5UFM
#
_entry.id   5UFM
#
_cell.length_a   112.698
_cell.length_b   112.698
_cell.length_c   78.367
_cell.angle_alpha   90.00
_cell.angle_beta   90.00
_cell.angle_gamma   120.00
#
_symmetry.space_group_name_H-M   'P 61'
#
loop_
_entity.id
_entity.type
_entity.pdbx_description
1 polymer 'Methyltransferase domain protein'
2 non-polymer S-ADENOSYL-L-HOMOCYSTEINE
3 non-polymer pyrimido[5,4-e][1,2,4]triazine-5,7(6H,8H)-dione
4 non-polymer 'SULFATE ION'
5 non-polymer '4-(2-HYDROXYETHYL)-1-PIPERAZINE ETHANESULFONIC ACID'
6 water water
#
_entity_poly.entity_id   1
_entity_poly.type   'polypeptide(L)'
_entity_poly.pdbx_seq_one_letter_code
;GHMSAAEPHYIDAQRAIAPVDAPLAAPHEYAAVLRSDFVSSYHDGRDVWTDEAAMRPASAILHAHLGRPAVVLDAGAGRG
RDTAYFLEQGHRVTAVDLVEPPEWAPLAQRWGERVRFVACPVSELDGEARFDGALDNGCLHHQHPDAYGTYLARIHALLR
PDGRFTISVFESDGPGRLYANHAQRLYREFTEPELAELLRAAHFTPVDSQRVPRPKAGLHYLVMTARKTDSTDASGRR
;
_entity_poly.pdbx_strand_id   A,B
#
# COMPACT_ATOMS: atom_id res chain seq x y z
N ALA A 6 -30.35 5.26 2.72
CA ALA A 6 -29.22 5.72 3.54
C ALA A 6 -29.54 5.66 5.01
N GLU A 7 -28.62 5.12 5.80
CA GLU A 7 -28.83 4.99 7.24
C GLU A 7 -27.55 5.37 7.96
N PRO A 8 -27.64 5.77 9.21
CA PRO A 8 -26.43 6.06 9.98
C PRO A 8 -25.58 4.81 10.11
N HIS A 9 -24.26 5.01 10.17
CA HIS A 9 -23.33 3.90 10.37
C HIS A 9 -22.01 4.45 10.89
N TYR A 10 -21.25 3.58 11.53
CA TYR A 10 -19.90 3.96 11.96
C TYR A 10 -18.98 4.08 10.76
N ILE A 11 -18.23 5.18 10.71
CA ILE A 11 -17.24 5.41 9.67
C ILE A 11 -15.82 5.14 10.17
N ASP A 12 -15.61 5.08 11.48
CA ASP A 12 -14.33 4.72 12.06
C ASP A 12 -14.61 4.15 13.44
N ALA A 13 -13.56 3.84 14.19
CA ALA A 13 -13.77 3.18 15.49
C ALA A 13 -14.72 3.97 16.39
N GLN A 14 -14.69 5.30 16.30
CA GLN A 14 -15.35 6.15 17.30
C GLN A 14 -16.62 6.84 16.81
N ARG A 15 -16.71 7.15 15.52
CA ARG A 15 -17.68 8.11 15.00
C ARG A 15 -18.75 7.42 14.16
N ALA A 16 -20.01 7.64 14.53
CA ALA A 16 -21.12 7.33 13.64
C ALA A 16 -21.50 8.58 12.84
N ILE A 17 -21.79 8.38 11.56
CA ILE A 17 -22.21 9.47 10.68
C ILE A 17 -23.61 9.18 10.17
N ALA A 18 -24.40 10.25 10.01
CA ALA A 18 -25.79 10.12 9.59
C ALA A 18 -26.04 10.94 8.33
N PRO A 19 -26.96 10.50 7.46
CA PRO A 19 -27.22 11.24 6.22
C PRO A 19 -27.64 12.68 6.50
N VAL A 20 -27.14 13.61 5.69
CA VAL A 20 -27.54 15.00 5.85
C VAL A 20 -28.96 15.18 5.33
N ASP A 21 -29.74 15.98 6.03
CA ASP A 21 -31.13 16.24 5.64
C ASP A 21 -31.41 17.73 5.70
N ALA A 22 -30.77 18.41 6.65
CA ALA A 22 -30.90 19.84 6.76
C ALA A 22 -30.14 20.52 5.63
N PRO A 23 -30.42 21.80 5.37
CA PRO A 23 -29.59 22.56 4.42
C PRO A 23 -28.16 22.68 4.93
N LEU A 24 -27.20 22.53 4.01
CA LEU A 24 -25.80 22.60 4.38
C LEU A 24 -25.43 24.01 4.80
N ALA A 25 -24.56 24.10 5.81
CA ALA A 25 -23.93 25.38 6.13
C ALA A 25 -23.21 25.91 4.90
N ALA A 26 -23.25 27.22 4.72
CA ALA A 26 -22.57 27.83 3.59
C ALA A 26 -21.08 27.49 3.65
N PRO A 27 -20.40 27.44 2.50
CA PRO A 27 -18.98 27.06 2.50
C PRO A 27 -18.11 27.90 3.42
N HIS A 28 -18.44 29.19 3.58
CA HIS A 28 -17.66 30.04 4.48
C HIS A 28 -17.80 29.58 5.93
N GLU A 29 -19.04 29.44 6.41
CA GLU A 29 -19.22 28.92 7.77
C GLU A 29 -18.71 27.50 7.90
N TYR A 30 -18.78 26.70 6.84
CA TYR A 30 -18.37 25.31 6.94
C TYR A 30 -16.86 25.20 7.21
N ALA A 31 -16.06 26.06 6.56
CA ALA A 31 -14.62 26.01 6.79
C ALA A 31 -14.27 26.07 8.28
N ALA A 32 -15.06 26.83 9.06
CA ALA A 32 -14.83 26.91 10.50
C ALA A 32 -15.25 25.63 11.21
N VAL A 33 -16.43 25.09 10.87
CA VAL A 33 -16.83 23.79 11.41
C VAL A 33 -15.77 22.75 11.10
N LEU A 34 -15.22 22.81 9.89
CA LEU A 34 -14.20 21.85 9.45
C LEU A 34 -12.95 21.93 10.31
N ARG A 35 -12.38 23.13 10.45
CA ARG A 35 -11.17 23.28 11.27
C ARG A 35 -11.44 22.94 12.73
N SER A 36 -12.63 23.29 13.24
N SER A 36 -12.66 23.21 13.20
CA SER A 36 -12.92 23.07 14.65
CA SER A 36 -12.92 23.07 14.63
C SER A 36 -12.91 21.59 15.00
C SER A 36 -12.98 21.60 15.03
N ASP A 37 -13.50 20.76 14.14
CA ASP A 37 -13.54 19.33 14.43
C ASP A 37 -12.15 18.72 14.34
N PHE A 38 -11.36 19.13 13.35
CA PHE A 38 -10.05 18.54 13.19
C PHE A 38 -9.08 18.97 14.30
N VAL A 39 -9.11 20.22 14.74
N VAL A 39 -9.10 20.24 14.69
CA VAL A 39 -8.19 20.62 15.79
CA VAL A 39 -8.25 20.68 15.80
C VAL A 39 -8.58 19.96 17.11
C VAL A 39 -8.59 19.89 17.05
N SER A 40 -9.87 19.78 17.36
CA SER A 40 -10.29 19.08 18.56
C SER A 40 -9.94 17.60 18.47
N SER A 41 -10.13 16.99 17.30
CA SER A 41 -9.80 15.58 17.15
C SER A 41 -8.31 15.34 17.34
N TYR A 42 -7.46 16.21 16.76
CA TYR A 42 -6.02 16.00 16.90
C TYR A 42 -5.57 16.27 18.33
N HIS A 43 -6.06 17.37 18.92
N HIS A 43 -6.08 17.35 18.94
CA HIS A 43 -5.78 17.68 20.33
CA HIS A 43 -5.70 17.64 20.33
C HIS A 43 -6.15 16.52 21.24
C HIS A 43 -6.15 16.53 21.28
N ASP A 44 -7.33 15.95 21.05
CA ASP A 44 -7.83 14.86 21.88
C ASP A 44 -7.19 13.52 21.57
N GLY A 45 -6.44 13.40 20.48
CA GLY A 45 -5.99 12.08 20.06
C GLY A 45 -7.10 11.22 19.51
N ARG A 46 -8.15 11.84 18.96
CA ARG A 46 -9.23 11.10 18.31
C ARG A 46 -9.03 10.99 16.81
N ASP A 47 -7.81 11.29 16.32
CA ASP A 47 -7.46 11.08 14.92
C ASP A 47 -7.16 9.60 14.71
N VAL A 48 -8.22 8.79 14.76
CA VAL A 48 -8.01 7.35 14.72
C VAL A 48 -7.52 6.89 13.35
N TRP A 49 -7.61 7.75 12.34
CA TRP A 49 -7.11 7.41 11.02
C TRP A 49 -5.60 7.35 11.01
N THR A 50 -4.92 8.09 11.88
CA THR A 50 -3.48 8.20 11.78
C THR A 50 -2.80 6.83 11.87
N ASP A 51 -3.26 5.97 12.76
N ASP A 51 -3.25 5.98 12.78
CA ASP A 51 -2.63 4.68 12.95
CA ASP A 51 -2.64 4.67 12.98
C ASP A 51 -3.40 3.53 12.31
C ASP A 51 -3.51 3.53 12.44
N GLU A 52 -4.42 3.83 11.52
CA GLU A 52 -5.18 2.78 10.84
C GLU A 52 -4.30 2.17 9.76
N ALA A 53 -4.16 0.84 9.79
CA ALA A 53 -3.28 0.17 8.84
C ALA A 53 -3.74 0.38 7.41
N ALA A 54 -5.06 0.43 7.21
CA ALA A 54 -5.63 0.61 5.87
C ALA A 54 -5.25 1.93 5.23
N MET A 55 -4.72 2.89 6.01
CA MET A 55 -4.33 4.17 5.44
C MET A 55 -2.98 4.12 4.71
N ARG A 56 -2.19 3.05 4.87
CA ARG A 56 -0.83 3.04 4.36
C ARG A 56 -0.71 2.79 2.84
N PRO A 57 -1.57 1.97 2.23
CA PRO A 57 -1.37 1.66 0.80
C PRO A 57 -1.38 2.87 -0.13
N ALA A 58 -2.18 3.91 0.16
CA ALA A 58 -2.35 5.01 -0.79
C ALA A 58 -1.02 5.67 -1.15
N SER A 59 -0.13 5.89 -0.18
CA SER A 59 1.15 6.52 -0.47
C SER A 59 2.03 5.62 -1.34
N ALA A 60 2.00 4.31 -1.09
CA ALA A 60 2.75 3.38 -1.93
C ALA A 60 2.17 3.34 -3.34
N ILE A 61 0.86 3.50 -3.45
CA ILE A 61 0.23 3.51 -4.77
C ILE A 61 0.69 4.74 -5.55
N LEU A 62 0.71 5.91 -4.91
CA LEU A 62 1.19 7.09 -5.63
C LEU A 62 2.66 6.92 -6.03
N HIS A 63 3.50 6.44 -5.12
CA HIS A 63 4.90 6.25 -5.52
C HIS A 63 5.02 5.29 -6.70
N ALA A 64 4.24 4.21 -6.69
CA ALA A 64 4.32 3.26 -7.80
C ALA A 64 4.00 3.94 -9.13
N HIS A 65 3.12 4.95 -9.11
CA HIS A 65 2.77 5.64 -10.35
C HIS A 65 3.78 6.73 -10.69
N LEU A 66 4.63 7.14 -9.75
CA LEU A 66 5.71 8.06 -10.05
C LEU A 66 6.95 7.31 -10.53
N GLY A 67 7.36 6.27 -9.80
CA GLY A 67 8.45 5.41 -10.20
C GLY A 67 9.85 5.92 -9.92
N ARG A 68 10.00 7.12 -9.36
CA ARG A 68 11.31 7.70 -9.12
C ARG A 68 11.16 8.79 -8.07
N PRO A 69 12.27 9.20 -7.44
CA PRO A 69 12.20 10.35 -6.51
C PRO A 69 11.75 11.60 -7.26
N ALA A 70 10.83 12.33 -6.65
CA ALA A 70 10.21 13.46 -7.33
C ALA A 70 9.82 14.51 -6.30
N VAL A 71 8.93 15.43 -6.68
CA VAL A 71 8.46 16.50 -5.80
C VAL A 71 6.97 16.24 -5.56
N VAL A 72 6.58 16.11 -4.30
CA VAL A 72 5.28 15.56 -3.94
C VAL A 72 4.55 16.49 -2.98
N LEU A 73 3.27 16.72 -3.26
CA LEU A 73 2.36 17.48 -2.38
C LEU A 73 1.55 16.50 -1.56
N ASP A 74 1.52 16.70 -0.24
CA ASP A 74 0.69 15.88 0.66
C ASP A 74 -0.44 16.80 1.14
N ALA A 75 -1.62 16.65 0.54
CA ALA A 75 -2.72 17.59 0.71
C ALA A 75 -3.58 17.14 1.89
N GLY A 76 -3.54 17.87 2.99
CA GLY A 76 -4.21 17.40 4.18
C GLY A 76 -3.39 16.37 4.92
N ALA A 77 -2.12 16.71 5.20
CA ALA A 77 -1.11 15.73 5.58
C ALA A 77 -1.26 15.17 7.00
N GLY A 78 -2.05 15.79 7.87
CA GLY A 78 -2.22 15.25 9.22
C GLY A 78 -0.89 15.21 9.94
N ARG A 79 -0.66 14.14 10.71
CA ARG A 79 0.54 14.07 11.52
C ARG A 79 1.80 13.77 10.72
N GLY A 80 1.68 13.42 9.44
CA GLY A 80 2.84 13.27 8.58
C GLY A 80 3.28 11.87 8.26
N ARG A 81 2.45 10.85 8.54
CA ARG A 81 2.81 9.46 8.22
C ARG A 81 3.19 9.30 6.75
N ASP A 82 2.32 9.80 5.85
CA ASP A 82 2.59 9.67 4.41
C ASP A 82 3.75 10.55 3.98
N THR A 83 3.87 11.74 4.59
CA THR A 83 5.01 12.60 4.28
C THR A 83 6.32 11.88 4.61
N ALA A 84 6.39 11.24 5.77
CA ALA A 84 7.56 10.45 6.13
C ALA A 84 7.79 9.32 5.13
N TYR A 85 6.73 8.64 4.72
CA TYR A 85 6.88 7.58 3.73
C TYR A 85 7.52 8.11 2.46
N PHE A 86 7.01 9.23 1.93
CA PHE A 86 7.55 9.79 0.70
C PHE A 86 8.99 10.23 0.88
N LEU A 87 9.31 10.86 2.01
CA LEU A 87 10.67 11.28 2.24
C LEU A 87 11.62 10.09 2.29
N GLU A 88 11.16 8.95 2.81
CA GLU A 88 12.01 7.75 2.83
C GLU A 88 12.27 7.20 1.45
N GLN A 89 11.46 7.56 0.46
CA GLN A 89 11.70 7.17 -0.92
C GLN A 89 12.58 8.15 -1.67
N GLY A 90 13.04 9.22 -1.02
CA GLY A 90 13.87 10.21 -1.69
C GLY A 90 13.13 11.39 -2.27
N HIS A 91 11.81 11.48 -2.06
CA HIS A 91 11.06 12.62 -2.57
C HIS A 91 11.38 13.87 -1.78
N ARG A 92 11.16 15.02 -2.43
CA ARG A 92 11.02 16.29 -1.74
C ARG A 92 9.52 16.54 -1.54
N VAL A 93 9.11 16.83 -0.32
CA VAL A 93 7.70 16.83 0.02
C VAL A 93 7.28 18.19 0.55
N THR A 94 6.12 18.66 0.12
CA THR A 94 5.44 19.77 0.79
C THR A 94 4.18 19.21 1.44
N ALA A 95 4.07 19.36 2.76
CA ALA A 95 2.95 18.86 3.53
C ALA A 95 2.11 20.03 3.99
N VAL A 96 0.80 19.96 3.76
CA VAL A 96 -0.12 21.07 4.01
C VAL A 96 -1.30 20.54 4.84
N ASP A 97 -1.69 21.30 5.87
CA ASP A 97 -2.85 20.91 6.66
C ASP A 97 -3.40 22.14 7.39
N LEU A 98 -4.73 22.12 7.61
CA LEU A 98 -5.39 23.12 8.44
C LEU A 98 -4.87 23.12 9.86
N VAL A 99 -4.41 21.97 10.34
CA VAL A 99 -3.98 21.80 11.73
C VAL A 99 -2.52 21.42 11.72
N GLU A 100 -1.72 22.11 12.53
CA GLU A 100 -0.32 21.74 12.68
C GLU A 100 -0.14 20.87 13.91
N PRO A 101 0.24 19.61 13.76
CA PRO A 101 0.45 18.75 14.91
C PRO A 101 1.89 18.83 15.37
N PRO A 102 2.18 18.43 16.60
CA PRO A 102 3.56 18.50 17.09
C PRO A 102 4.53 17.62 16.31
N GLU A 103 4.03 16.60 15.59
CA GLU A 103 4.90 15.65 14.89
C GLU A 103 5.67 16.28 13.73
N TRP A 104 5.26 17.45 13.25
CA TRP A 104 5.97 18.07 12.15
C TRP A 104 7.39 18.46 12.55
N ALA A 105 7.60 18.81 13.82
CA ALA A 105 8.94 19.23 14.23
C ALA A 105 9.97 18.10 14.13
N PRO A 106 9.76 16.91 14.72
CA PRO A 106 10.75 15.84 14.52
C PRO A 106 10.92 15.45 13.06
N LEU A 107 9.86 15.54 12.25
CA LEU A 107 10.02 15.30 10.82
C LEU A 107 10.97 16.33 10.19
N ALA A 108 10.78 17.61 10.52
CA ALA A 108 11.69 18.65 10.03
C ALA A 108 13.12 18.39 10.49
N GLN A 109 13.31 17.89 11.72
CA GLN A 109 14.67 17.62 12.18
C GLN A 109 15.31 16.45 11.46
N ARG A 110 14.50 15.48 11.04
CA ARG A 110 15.03 14.30 10.35
C ARG A 110 15.38 14.62 8.90
N TRP A 111 14.54 15.38 8.21
CA TRP A 111 14.66 15.51 6.75
C TRP A 111 15.12 16.87 6.27
N GLY A 112 15.27 17.86 7.15
CA GLY A 112 15.84 19.13 6.73
C GLY A 112 15.08 19.76 5.58
N GLU A 113 15.85 20.27 4.61
CA GLU A 113 15.28 21.04 3.51
C GLU A 113 14.46 20.18 2.56
N ARG A 114 14.48 18.87 2.72
CA ARG A 114 13.71 18.01 1.82
C ARG A 114 12.23 18.04 2.13
N VAL A 115 11.82 18.56 3.28
CA VAL A 115 10.42 18.67 3.64
C VAL A 115 10.09 20.13 3.95
N ARG A 116 8.93 20.57 3.47
CA ARG A 116 8.38 21.88 3.79
C ARG A 116 6.99 21.70 4.34
N PHE A 117 6.67 22.40 5.42
CA PHE A 117 5.36 22.31 6.03
C PHE A 117 4.63 23.64 5.91
N VAL A 118 3.34 23.59 5.60
CA VAL A 118 2.51 24.79 5.57
C VAL A 118 1.20 24.50 6.30
N ALA A 119 0.91 25.30 7.32
CA ALA A 119 -0.35 25.14 8.05
C ALA A 119 -1.41 26.05 7.42
N CYS A 120 -1.92 25.64 6.27
CA CYS A 120 -2.92 26.46 5.59
C CYS A 120 -3.90 25.53 4.89
N PRO A 121 -5.05 26.06 4.45
CA PRO A 121 -5.93 25.28 3.58
C PRO A 121 -5.27 25.05 2.24
N VAL A 122 -5.59 23.89 1.64
CA VAL A 122 -5.09 23.57 0.30
C VAL A 122 -5.39 24.70 -0.67
N SER A 123 -6.59 25.29 -0.56
CA SER A 123 -6.98 26.34 -1.49
C SER A 123 -6.05 27.54 -1.44
N GLU A 124 -5.35 27.73 -0.32
N GLU A 124 -5.33 27.75 -0.34
CA GLU A 124 -4.46 28.88 -0.13
CA GLU A 124 -4.47 28.92 -0.20
C GLU A 124 -3.12 28.70 -0.81
C GLU A 124 -3.02 28.62 -0.54
N LEU A 125 -2.72 27.47 -1.14
CA LEU A 125 -1.41 27.22 -1.70
C LEU A 125 -1.27 27.95 -3.03
N ASP A 126 -0.22 28.75 -3.14
CA ASP A 126 0.06 29.48 -4.37
C ASP A 126 0.96 28.67 -5.29
N GLY A 127 0.85 28.93 -6.58
CA GLY A 127 1.80 28.42 -7.55
C GLY A 127 1.13 27.55 -8.60
N GLU A 128 1.92 27.20 -9.60
CA GLU A 128 1.49 26.35 -10.68
C GLU A 128 2.65 25.44 -11.08
N ALA A 129 2.33 24.19 -11.40
CA ALA A 129 3.31 23.25 -11.94
C ALA A 129 4.54 23.16 -11.06
N ARG A 130 4.31 22.94 -9.77
CA ARG A 130 5.37 22.79 -8.79
C ARG A 130 5.60 21.35 -8.34
N PHE A 131 4.69 20.44 -8.67
CA PHE A 131 4.70 19.09 -8.12
C PHE A 131 4.54 18.06 -9.22
N ASP A 132 5.29 16.97 -9.07
CA ASP A 132 5.13 15.79 -9.92
C ASP A 132 4.02 14.88 -9.44
N GLY A 133 3.77 14.87 -8.14
CA GLY A 133 2.74 14.02 -7.57
C GLY A 133 2.01 14.75 -6.46
N ALA A 134 0.76 14.36 -6.26
CA ALA A 134 -0.04 14.89 -5.15
C ALA A 134 -0.83 13.73 -4.54
N LEU A 135 -0.83 13.68 -3.21
CA LEU A 135 -1.62 12.71 -2.46
C LEU A 135 -2.69 13.43 -1.65
N ASP A 136 -3.92 12.99 -1.81
CA ASP A 136 -5.05 13.42 -0.98
C ASP A 136 -5.50 12.16 -0.26
N ASN A 137 -5.07 11.96 0.97
CA ASN A 137 -5.41 10.75 1.70
C ASN A 137 -6.48 11.08 2.71
N GLY A 138 -7.72 11.13 2.24
CA GLY A 138 -8.86 11.38 3.11
C GLY A 138 -9.14 12.83 3.43
N CYS A 139 -8.79 13.77 2.55
CA CYS A 139 -9.08 15.18 2.77
C CYS A 139 -10.26 15.70 1.96
N LEU A 140 -10.23 15.48 0.63
CA LEU A 140 -11.28 15.98 -0.23
C LEU A 140 -12.66 15.55 0.23
N HIS A 141 -12.80 14.31 0.72
CA HIS A 141 -14.16 13.85 0.99
C HIS A 141 -14.80 14.52 2.21
N HIS A 142 -14.09 15.43 2.89
CA HIS A 142 -14.68 16.24 3.95
C HIS A 142 -15.00 17.67 3.51
N GLN A 143 -14.67 18.05 2.28
CA GLN A 143 -14.93 19.43 1.86
C GLN A 143 -16.41 19.66 1.60
N HIS A 144 -16.80 20.92 1.66
CA HIS A 144 -18.13 21.30 1.20
C HIS A 144 -18.29 20.89 -0.26
N PRO A 145 -19.39 20.24 -0.64
CA PRO A 145 -19.56 19.88 -2.06
C PRO A 145 -19.40 21.04 -3.02
N ASP A 146 -19.83 22.25 -2.62
CA ASP A 146 -19.64 23.40 -3.50
C ASP A 146 -18.20 23.84 -3.61
N ALA A 147 -17.28 23.22 -2.85
CA ALA A 147 -15.87 23.55 -2.89
C ALA A 147 -15.02 22.48 -3.57
N TYR A 148 -15.62 21.37 -4.02
CA TYR A 148 -14.85 20.32 -4.69
C TYR A 148 -14.11 20.87 -5.90
N GLY A 149 -14.81 21.66 -6.73
CA GLY A 149 -14.20 22.12 -7.97
C GLY A 149 -12.98 22.99 -7.75
N THR A 150 -13.09 23.97 -6.84
CA THR A 150 -11.96 24.84 -6.58
C THR A 150 -10.82 24.10 -5.90
N TYR A 151 -11.15 23.15 -5.02
CA TYR A 151 -10.12 22.33 -4.39
C TYR A 151 -9.37 21.50 -5.43
N LEU A 152 -10.10 20.77 -6.27
CA LEU A 152 -9.44 19.97 -7.30
C LEU A 152 -8.73 20.83 -8.33
N ALA A 153 -9.26 22.01 -8.65
CA ALA A 153 -8.59 22.89 -9.60
C ALA A 153 -7.25 23.36 -9.08
N ARG A 154 -7.15 23.60 -7.76
CA ARG A 154 -5.87 24.01 -7.20
C ARG A 154 -4.85 22.88 -7.30
N ILE A 155 -5.25 21.66 -6.95
CA ILE A 155 -4.36 20.51 -7.11
C ILE A 155 -3.95 20.35 -8.56
N HIS A 156 -4.94 20.45 -9.47
CA HIS A 156 -4.67 20.34 -10.90
C HIS A 156 -3.64 21.38 -11.34
N ALA A 157 -3.79 22.64 -10.89
CA ALA A 157 -2.86 23.68 -11.32
C ALA A 157 -1.46 23.47 -10.74
N LEU A 158 -1.38 22.95 -9.52
CA LEU A 158 -0.09 22.73 -8.86
C LEU A 158 0.71 21.60 -9.47
N LEU A 159 0.05 20.66 -10.14
CA LEU A 159 0.77 19.55 -10.75
C LEU A 159 1.40 19.97 -12.07
N ARG A 160 2.56 19.38 -12.36
CA ARG A 160 3.22 19.55 -13.63
C ARG A 160 2.44 18.79 -14.72
N PRO A 161 2.75 19.04 -16.00
CA PRO A 161 1.98 18.38 -17.08
C PRO A 161 1.85 16.88 -16.96
N ASP A 162 2.92 16.18 -16.58
CA ASP A 162 2.86 14.72 -16.42
C ASP A 162 2.62 14.31 -14.98
N GLY A 163 1.97 15.17 -14.20
CA GLY A 163 1.76 14.88 -12.80
C GLY A 163 0.78 13.76 -12.58
N ARG A 164 0.88 13.15 -11.40
CA ARG A 164 -0.03 12.12 -10.97
C ARG A 164 -0.71 12.55 -9.67
N PHE A 165 -2.00 12.27 -9.56
CA PHE A 165 -2.80 12.60 -8.39
C PHE A 165 -3.42 11.32 -7.85
N THR A 166 -3.14 11.01 -6.58
CA THR A 166 -3.74 9.84 -5.92
C THR A 166 -4.64 10.34 -4.81
N ILE A 167 -5.89 9.87 -4.80
CA ILE A 167 -6.87 10.32 -3.82
C ILE A 167 -7.55 9.09 -3.22
N SER A 168 -7.70 9.10 -1.91
CA SER A 168 -8.40 8.06 -1.18
C SER A 168 -9.66 8.64 -0.56
N VAL A 169 -10.79 7.97 -0.78
CA VAL A 169 -12.08 8.39 -0.24
C VAL A 169 -12.75 7.19 0.40
N PHE A 170 -13.72 7.49 1.27
CA PHE A 170 -14.60 6.45 1.78
C PHE A 170 -15.35 5.80 0.62
N GLU A 171 -15.34 4.48 0.56
CA GLU A 171 -16.10 3.79 -0.47
C GLU A 171 -17.54 3.58 -0.02
N SER A 172 -18.48 3.83 -0.92
CA SER A 172 -19.89 3.69 -0.62
C SER A 172 -20.37 2.28 -0.93
N ASP A 173 -21.33 1.83 -0.15
CA ASP A 173 -22.10 0.63 -0.48
C ASP A 173 -23.37 1.11 -1.16
N GLY A 174 -23.43 0.97 -2.49
CA GLY A 174 -24.48 1.55 -3.28
C GLY A 174 -24.15 2.99 -3.62
N PRO A 175 -25.05 3.69 -4.31
CA PRO A 175 -24.78 5.08 -4.69
C PRO A 175 -24.38 5.93 -3.49
N GLY A 176 -23.32 6.72 -3.68
CA GLY A 176 -22.73 7.43 -2.56
C GLY A 176 -23.58 8.61 -2.11
N ARG A 177 -23.57 8.83 -0.80
CA ARG A 177 -24.37 9.90 -0.21
C ARG A 177 -23.51 10.73 0.74
N LEU A 178 -24.09 11.84 1.18
CA LEU A 178 -23.41 12.80 2.05
C LEU A 178 -23.89 12.61 3.47
N TYR A 179 -22.94 12.56 4.42
CA TYR A 179 -23.21 12.33 5.83
C TYR A 179 -22.53 13.41 6.65
N ALA A 180 -22.90 13.47 7.93
CA ALA A 180 -22.22 14.34 8.88
C ALA A 180 -22.03 13.61 10.20
N ASN A 181 -20.92 13.90 10.88
CA ASN A 181 -20.68 13.36 12.21
C ASN A 181 -21.32 14.29 13.24
N HIS A 182 -21.18 13.92 14.52
CA HIS A 182 -21.82 14.69 15.58
C HIS A 182 -21.33 16.14 15.60
N ALA A 183 -20.09 16.37 15.19
CA ALA A 183 -19.52 17.71 15.14
C ALA A 183 -19.90 18.47 13.87
N GLN A 184 -20.73 17.89 13.01
CA GLN A 184 -21.23 18.48 11.77
C GLN A 184 -20.17 18.58 10.69
N ARG A 185 -19.08 17.85 10.81
CA ARG A 185 -18.16 17.67 9.69
C ARG A 185 -18.80 16.75 8.66
N LEU A 186 -18.63 17.09 7.39
CA LEU A 186 -19.23 16.34 6.29
C LEU A 186 -18.34 15.17 5.88
N TYR A 187 -19.01 14.10 5.44
CA TYR A 187 -18.37 12.88 4.93
C TYR A 187 -19.12 12.49 3.66
N ARG A 188 -18.41 12.45 2.54
CA ARG A 188 -18.98 11.93 1.29
C ARG A 188 -18.38 10.56 1.00
N GLU A 189 -19.23 9.56 0.80
CA GLU A 189 -18.79 8.25 0.35
C GLU A 189 -19.02 8.16 -1.16
N PHE A 190 -18.11 7.47 -1.86
CA PHE A 190 -18.17 7.38 -3.32
C PHE A 190 -18.18 5.92 -3.78
N THR A 191 -18.86 5.67 -4.92
CA THR A 191 -18.58 4.51 -5.73
C THR A 191 -17.44 4.83 -6.70
N GLU A 192 -16.82 3.80 -7.27
CA GLU A 192 -15.77 4.05 -8.26
C GLU A 192 -16.28 4.87 -9.43
N PRO A 193 -17.44 4.57 -10.03
CA PRO A 193 -17.93 5.44 -11.13
C PRO A 193 -18.12 6.89 -10.70
N GLU A 194 -18.63 7.15 -9.48
CA GLU A 194 -18.86 8.52 -9.04
C GLU A 194 -17.53 9.27 -8.86
N LEU A 195 -16.56 8.64 -8.22
CA LEU A 195 -15.26 9.28 -8.05
C LEU A 195 -14.58 9.52 -9.40
N ALA A 196 -14.64 8.53 -10.31
CA ALA A 196 -14.07 8.73 -11.63
C ALA A 196 -14.76 9.90 -12.35
N GLU A 197 -16.08 9.97 -12.23
CA GLU A 197 -16.83 11.08 -12.85
C GLU A 197 -16.38 12.43 -12.29
N LEU A 198 -16.19 12.50 -10.97
CA LEU A 198 -15.75 13.76 -10.35
C LEU A 198 -14.37 14.16 -10.86
N LEU A 199 -13.42 13.22 -10.88
CA LEU A 199 -12.08 13.53 -11.38
C LEU A 199 -12.11 13.95 -12.85
N ARG A 200 -12.89 13.23 -13.67
CA ARG A 200 -12.97 13.62 -15.09
C ARG A 200 -13.52 15.03 -15.23
N ALA A 201 -14.52 15.38 -14.43
CA ALA A 201 -15.08 16.74 -14.49
C ALA A 201 -14.04 17.77 -14.07
N ALA A 202 -13.12 17.40 -13.20
CA ALA A 202 -12.00 18.24 -12.79
C ALA A 202 -10.79 18.10 -13.71
N HIS A 203 -10.96 17.51 -14.90
CA HIS A 203 -9.92 17.43 -15.93
C HIS A 203 -8.76 16.51 -15.50
N PHE A 204 -9.11 15.45 -14.77
CA PHE A 204 -8.20 14.35 -14.46
C PHE A 204 -8.68 13.10 -15.20
N THR A 205 -7.74 12.26 -15.61
CA THR A 205 -8.11 10.99 -16.24
C THR A 205 -7.65 9.85 -15.34
N PRO A 206 -8.56 9.11 -14.71
CA PRO A 206 -8.15 7.97 -13.89
C PRO A 206 -7.35 6.95 -14.66
N VAL A 207 -6.27 6.49 -14.04
CA VAL A 207 -5.43 5.43 -14.60
C VAL A 207 -5.37 4.18 -13.73
N ASP A 208 -5.89 4.23 -12.51
CA ASP A 208 -5.81 3.14 -11.56
C ASP A 208 -6.86 3.39 -10.50
N SER A 209 -7.42 2.31 -9.95
N SER A 209 -7.39 2.31 -9.93
CA SER A 209 -8.23 2.44 -8.76
CA SER A 209 -8.28 2.42 -8.78
C SER A 209 -8.14 1.14 -7.98
C SER A 209 -8.19 1.13 -7.98
N GLN A 210 -8.17 1.26 -6.66
CA GLN A 210 -8.02 0.10 -5.79
C GLN A 210 -8.98 0.19 -4.62
N ARG A 211 -9.61 -0.95 -4.30
CA ARG A 211 -10.47 -1.07 -3.13
C ARG A 211 -9.61 -1.60 -1.98
N VAL A 212 -9.34 -0.73 -1.01
CA VAL A 212 -8.43 -1.05 0.10
C VAL A 212 -9.28 -1.41 1.30
N PRO A 213 -9.20 -2.64 1.81
CA PRO A 213 -10.07 -3.03 2.94
C PRO A 213 -9.69 -2.28 4.19
N ARG A 214 -10.70 -1.97 4.98
CA ARG A 214 -10.52 -1.41 6.31
C ARG A 214 -11.03 -2.50 7.26
N PRO A 215 -10.20 -3.49 7.59
CA PRO A 215 -10.74 -4.71 8.22
C PRO A 215 -11.36 -4.45 9.58
N LYS A 216 -10.75 -3.62 10.41
CA LYS A 216 -11.32 -3.41 11.74
C LYS A 216 -12.60 -2.59 11.67
N ALA A 217 -12.69 -1.66 10.72
CA ALA A 217 -13.90 -0.88 10.53
C ALA A 217 -14.98 -1.60 9.73
N GLY A 218 -14.63 -2.69 9.05
CA GLY A 218 -15.60 -3.40 8.21
C GLY A 218 -15.98 -2.65 6.96
N LEU A 219 -15.07 -1.87 6.40
CA LEU A 219 -15.37 -0.96 5.28
C LEU A 219 -14.23 -1.02 4.28
N HIS A 220 -14.26 -0.10 3.30
CA HIS A 220 -13.19 0.02 2.31
C HIS A 220 -12.90 1.48 2.04
N TYR A 221 -11.64 1.77 1.70
CA TYR A 221 -11.27 3.00 1.03
C TYR A 221 -11.20 2.72 -0.47
N LEU A 222 -11.55 3.74 -1.24
CA LEU A 222 -11.38 3.73 -2.69
C LEU A 222 -10.21 4.64 -3.02
N VAL A 223 -9.12 4.08 -3.56
CA VAL A 223 -7.90 4.82 -3.81
C VAL A 223 -7.69 4.89 -5.31
N MET A 224 -7.86 6.07 -5.88
CA MET A 224 -7.85 6.27 -7.33
C MET A 224 -6.67 7.16 -7.70
N THR A 225 -5.98 6.82 -8.79
CA THR A 225 -4.86 7.61 -9.27
C THR A 225 -5.19 8.12 -10.66
N ALA A 226 -4.85 9.38 -10.93
CA ALA A 226 -5.20 9.99 -12.20
C ALA A 226 -4.03 10.81 -12.73
N ARG A 227 -4.03 11.00 -14.05
CA ARG A 227 -3.19 11.98 -14.70
C ARG A 227 -4.07 13.15 -15.14
N LYS A 228 -3.44 14.23 -15.59
CA LYS A 228 -4.22 15.30 -16.20
C LYS A 228 -4.82 14.82 -17.50
N THR A 229 -6.05 15.24 -17.77
CA THR A 229 -6.66 14.96 -19.06
C THR A 229 -5.94 15.74 -20.15
N ASP A 230 -5.62 15.07 -21.25
CA ASP A 230 -4.86 15.71 -22.33
C ASP A 230 -5.70 16.78 -23.03
N PRO B 8 23.14 -10.96 14.83
CA PRO B 8 22.10 -11.41 15.75
C PRO B 8 21.07 -10.32 16.03
N HIS B 9 19.92 -10.37 15.35
CA HIS B 9 18.91 -9.36 15.58
C HIS B 9 17.53 -9.97 15.41
N TYR B 10 16.55 -9.31 16.03
CA TYR B 10 15.17 -9.70 15.84
C TYR B 10 14.71 -9.29 14.45
N ILE B 11 14.06 -10.22 13.75
CA ILE B 11 13.54 -9.96 12.42
C ILE B 11 12.02 -9.75 12.43
N ASP B 12 11.34 -10.18 13.48
CA ASP B 12 9.90 -9.99 13.60
C ASP B 12 9.55 -10.02 15.08
N ALA B 13 8.25 -10.07 15.37
CA ALA B 13 7.79 -9.95 16.75
C ALA B 13 8.19 -11.15 17.62
N GLN B 14 8.69 -12.22 17.04
CA GLN B 14 8.91 -13.39 17.89
C GLN B 14 10.26 -14.05 17.70
N ARG B 15 10.80 -14.05 16.49
CA ARG B 15 12.02 -14.79 16.21
C ARG B 15 13.22 -13.86 16.10
N ALA B 16 14.34 -14.29 16.67
CA ALA B 16 15.63 -13.70 16.42
C ALA B 16 16.42 -14.60 15.47
N ILE B 17 17.24 -13.97 14.63
CA ILE B 17 18.02 -14.70 13.64
C ILE B 17 19.49 -14.35 13.80
N ALA B 18 20.34 -15.28 13.35
CA ALA B 18 21.78 -15.11 13.48
C ALA B 18 22.45 -15.46 12.17
N PRO B 19 23.61 -14.87 11.88
CA PRO B 19 24.29 -15.15 10.61
C PRO B 19 24.60 -16.62 10.46
N VAL B 20 24.42 -17.15 9.25
CA VAL B 20 24.75 -18.54 8.97
C VAL B 20 26.27 -18.68 9.00
N ASP B 21 26.76 -19.71 9.69
CA ASP B 21 28.19 -19.91 9.86
C ASP B 21 28.66 -21.30 9.49
N ALA B 22 27.74 -22.19 9.12
CA ALA B 22 28.04 -23.55 8.70
C ALA B 22 27.58 -23.75 7.27
N PRO B 23 28.10 -24.76 6.57
CA PRO B 23 27.60 -25.05 5.22
C PRO B 23 26.11 -25.38 5.26
N LEU B 24 25.39 -24.90 4.25
CA LEU B 24 23.97 -25.17 4.15
C LEU B 24 23.71 -26.63 3.78
N ALA B 25 22.55 -27.13 4.20
CA ALA B 25 22.07 -28.39 3.65
C ALA B 25 21.83 -28.22 2.14
N ALA B 26 21.72 -29.36 1.46
CA ALA B 26 21.35 -29.34 0.06
C ALA B 26 19.97 -28.72 -0.10
N PRO B 27 19.68 -28.10 -1.25
CA PRO B 27 18.35 -27.49 -1.42
C PRO B 27 17.21 -28.48 -1.16
N HIS B 28 17.32 -29.72 -1.60
CA HIS B 28 16.25 -30.67 -1.35
C HIS B 28 16.08 -30.93 0.14
N GLU B 29 17.20 -31.14 0.85
CA GLU B 29 17.14 -31.33 2.30
C GLU B 29 16.57 -30.09 2.97
N TYR B 30 16.97 -28.90 2.52
CA TYR B 30 16.46 -27.68 3.11
C TYR B 30 14.95 -27.53 2.90
N ALA B 31 14.43 -28.00 1.77
CA ALA B 31 13.00 -27.85 1.47
C ALA B 31 12.13 -28.47 2.56
N ALA B 32 12.57 -29.59 3.14
CA ALA B 32 11.78 -30.24 4.19
C ALA B 32 11.78 -29.41 5.46
N VAL B 33 12.94 -28.88 5.85
CA VAL B 33 13.03 -27.98 7.00
C VAL B 33 12.17 -26.75 6.78
N LEU B 34 12.29 -26.16 5.58
CA LEU B 34 11.51 -24.97 5.23
C LEU B 34 10.02 -25.24 5.42
N ARG B 35 9.53 -26.34 4.87
CA ARG B 35 8.09 -26.60 4.92
C ARG B 35 7.63 -26.91 6.34
N SER B 36 8.37 -27.79 7.04
CA SER B 36 7.91 -28.18 8.37
C SER B 36 7.94 -27.00 9.34
N ASP B 37 8.90 -26.07 9.17
CA ASP B 37 8.92 -24.91 10.07
C ASP B 37 7.72 -24.00 9.80
N PHE B 38 7.36 -23.82 8.53
CA PHE B 38 6.21 -22.97 8.23
C PHE B 38 4.90 -23.68 8.63
N VAL B 39 4.82 -24.99 8.44
CA VAL B 39 3.67 -25.73 8.93
C VAL B 39 3.49 -25.52 10.43
N SER B 40 4.59 -25.62 11.18
CA SER B 40 4.53 -25.38 12.62
C SER B 40 4.10 -23.96 12.94
N SER B 41 4.65 -22.96 12.25
CA SER B 41 4.32 -21.57 12.52
C SER B 41 2.83 -21.30 12.30
N TYR B 42 2.28 -21.77 11.18
CA TYR B 42 0.86 -21.55 10.94
C TYR B 42 0.00 -22.34 11.92
N HIS B 43 0.40 -23.58 12.22
CA HIS B 43 -0.33 -24.37 13.19
C HIS B 43 -0.42 -23.66 14.54
N ASP B 44 0.68 -23.07 14.99
CA ASP B 44 0.74 -22.43 16.29
C ASP B 44 0.19 -21.01 16.29
N GLY B 45 -0.14 -20.48 15.12
CA GLY B 45 -0.50 -19.08 15.05
C GLY B 45 0.66 -18.15 15.27
N ARG B 46 1.89 -18.60 15.01
CA ARG B 46 3.07 -17.77 15.13
C ARG B 46 3.42 -17.04 13.84
N ASP B 47 2.51 -17.04 12.86
CA ASP B 47 2.75 -16.34 11.60
C ASP B 47 2.46 -14.85 11.80
N VAL B 48 3.41 -14.19 12.50
CA VAL B 48 3.23 -12.79 12.85
C VAL B 48 3.17 -11.90 11.62
N TRP B 49 3.68 -12.37 10.48
CA TRP B 49 3.66 -11.54 9.28
C TRP B 49 2.25 -11.35 8.76
N THR B 50 1.35 -12.30 9.02
CA THR B 50 0.04 -12.26 8.39
C THR B 50 -0.70 -10.96 8.72
N ASP B 51 -0.69 -10.56 9.99
CA ASP B 51 -1.39 -9.37 10.44
C ASP B 51 -0.48 -8.16 10.61
N GLU B 52 0.77 -8.21 10.12
CA GLU B 52 1.64 -7.05 10.20
C GLU B 52 1.15 -5.99 9.20
N ALA B 53 0.94 -4.76 9.68
CA ALA B 53 0.41 -3.74 8.77
C ALA B 53 1.36 -3.45 7.61
N ALA B 54 2.67 -3.53 7.86
CA ALA B 54 3.68 -3.26 6.84
C ALA B 54 3.65 -4.25 5.68
N MET B 55 2.94 -5.37 5.81
CA MET B 55 2.87 -6.32 4.71
C MET B 55 1.87 -5.91 3.62
N ARG B 56 1.03 -4.91 3.87
CA ARG B 56 -0.08 -4.62 2.96
C ARG B 56 0.29 -3.77 1.74
N PRO B 57 1.25 -2.84 1.82
CA PRO B 57 1.58 -2.07 0.61
C PRO B 57 1.97 -2.93 -0.60
N ALA B 58 2.63 -4.08 -0.41
CA ALA B 58 3.22 -4.76 -1.56
C ALA B 58 2.17 -5.14 -2.61
N SER B 59 1.02 -5.65 -2.18
CA SER B 59 -0.01 -6.05 -3.15
C SER B 59 -0.56 -4.84 -3.88
N ALA B 60 -0.69 -3.71 -3.18
CA ALA B 60 -1.17 -2.49 -3.81
C ALA B 60 -0.15 -1.96 -4.81
N ILE B 61 1.15 -2.11 -4.50
CA ILE B 61 2.20 -1.71 -5.42
C ILE B 61 2.11 -2.52 -6.71
N LEU B 62 1.95 -3.85 -6.58
CA LEU B 62 1.79 -4.66 -7.77
C LEU B 62 0.57 -4.21 -8.57
N HIS B 63 -0.57 -4.02 -7.90
CA HIS B 63 -1.75 -3.67 -8.67
C HIS B 63 -1.57 -2.33 -9.36
N ALA B 64 -0.87 -1.38 -8.71
CA ALA B 64 -0.66 -0.09 -9.35
C ALA B 64 0.14 -0.21 -10.64
N HIS B 65 0.93 -1.28 -10.78
CA HIS B 65 1.64 -1.53 -12.03
C HIS B 65 0.81 -2.35 -13.03
N LEU B 66 -0.39 -2.77 -12.65
CA LEU B 66 -1.33 -3.42 -13.58
C LEU B 66 -2.45 -2.48 -14.01
N GLY B 67 -3.16 -1.88 -13.06
CA GLY B 67 -4.14 -0.87 -13.39
C GLY B 67 -5.42 -1.40 -13.97
N ARG B 68 -5.66 -2.70 -13.87
CA ARG B 68 -6.86 -3.30 -14.43
C ARG B 68 -7.05 -4.68 -13.82
N PRO B 69 -8.27 -5.22 -13.87
CA PRO B 69 -8.43 -6.64 -13.53
C PRO B 69 -7.66 -7.51 -14.50
N ALA B 70 -6.91 -8.46 -13.98
CA ALA B 70 -6.03 -9.29 -14.79
C ALA B 70 -5.91 -10.68 -14.16
N VAL B 71 -4.84 -11.40 -14.47
CA VAL B 71 -4.58 -12.74 -13.93
C VAL B 71 -3.27 -12.65 -13.15
N VAL B 72 -3.33 -12.98 -11.86
CA VAL B 72 -2.25 -12.67 -10.93
C VAL B 72 -1.83 -13.93 -10.19
N LEU B 73 -0.52 -14.07 -9.98
CA LEU B 73 0.06 -15.14 -9.20
C LEU B 73 0.51 -14.61 -7.84
N ASP B 74 0.14 -15.31 -6.78
CA ASP B 74 0.54 -14.99 -5.40
C ASP B 74 1.48 -16.11 -4.96
N ALA B 75 2.80 -15.86 -5.02
CA ALA B 75 3.82 -16.88 -4.78
C ALA B 75 4.18 -16.92 -3.31
N GLY B 76 3.76 -17.99 -2.62
CA GLY B 76 3.98 -18.09 -1.18
C GLY B 76 2.88 -17.34 -0.45
N ALA B 77 1.63 -17.69 -0.78
CA ALA B 77 0.49 -16.83 -0.46
C ALA B 77 0.10 -16.85 1.01
N GLY B 78 0.60 -17.80 1.80
CA GLY B 78 0.24 -17.82 3.21
C GLY B 78 -1.25 -18.00 3.41
N ARG B 79 -1.81 -17.25 4.37
CA ARG B 79 -3.23 -17.42 4.70
C ARG B 79 -4.17 -16.81 3.65
N GLY B 80 -3.67 -16.03 2.71
CA GLY B 80 -4.50 -15.51 1.62
C GLY B 80 -4.86 -14.04 1.73
N ARG B 81 -4.21 -13.27 2.61
CA ARG B 81 -4.53 -11.84 2.72
C ARG B 81 -4.40 -11.14 1.37
N ASP B 82 -3.25 -11.29 0.70
CA ASP B 82 -3.03 -10.64 -0.58
C ASP B 82 -3.89 -11.26 -1.67
N THR B 83 -4.12 -12.58 -1.60
CA THR B 83 -4.99 -13.22 -2.57
C THR B 83 -6.40 -12.61 -2.50
N ALA B 84 -6.93 -12.42 -1.29
CA ALA B 84 -8.23 -11.77 -1.15
C ALA B 84 -8.18 -10.32 -1.64
N TYR B 85 -7.06 -9.62 -1.37
CA TYR B 85 -6.92 -8.26 -1.88
C TYR B 85 -7.03 -8.22 -3.39
N PHE B 86 -6.32 -9.12 -4.08
CA PHE B 86 -6.36 -9.15 -5.54
C PHE B 86 -7.74 -9.54 -6.05
N LEU B 87 -8.39 -10.52 -5.41
CA LEU B 87 -9.73 -10.90 -5.87
C LEU B 87 -10.71 -9.74 -5.76
N GLU B 88 -10.54 -8.89 -4.73
CA GLU B 88 -11.41 -7.75 -4.60
C GLU B 88 -11.16 -6.68 -5.65
N GLN B 89 -10.04 -6.74 -6.37
CA GLN B 89 -9.80 -5.84 -7.50
C GLN B 89 -10.29 -6.43 -8.81
N GLY B 90 -10.94 -7.59 -8.77
CA GLY B 90 -11.43 -8.24 -9.97
C GLY B 90 -10.47 -9.20 -10.64
N HIS B 91 -9.31 -9.45 -10.04
CA HIS B 91 -8.34 -10.38 -10.62
C HIS B 91 -8.82 -11.81 -10.50
N ARG B 92 -8.38 -12.64 -11.45
CA ARG B 92 -8.32 -14.08 -11.27
C ARG B 92 -6.96 -14.41 -10.69
N VAL B 93 -6.93 -15.21 -9.63
CA VAL B 93 -5.73 -15.35 -8.81
C VAL B 93 -5.38 -16.83 -8.69
N THR B 94 -4.10 -17.15 -8.88
CA THR B 94 -3.58 -18.45 -8.47
C THR B 94 -2.70 -18.21 -7.26
N ALA B 95 -3.00 -18.89 -6.16
CA ALA B 95 -2.28 -18.74 -4.91
C ALA B 95 -1.54 -20.04 -4.62
N VAL B 96 -0.24 -19.94 -4.34
CA VAL B 96 0.62 -21.12 -4.20
C VAL B 96 1.36 -21.02 -2.88
N ASP B 97 1.43 -22.14 -2.15
CA ASP B 97 2.19 -22.16 -0.91
C ASP B 97 2.49 -23.61 -0.55
N LEU B 98 3.60 -23.82 0.16
CA LEU B 98 3.93 -25.12 0.73
C LEU B 98 2.87 -25.58 1.73
N VAL B 99 2.20 -24.63 2.38
CA VAL B 99 1.27 -24.91 3.46
C VAL B 99 -0.14 -24.52 3.00
N GLU B 100 -1.13 -25.39 3.26
CA GLU B 100 -2.51 -25.01 3.01
C GLU B 100 -3.18 -24.70 4.35
N PRO B 101 -3.33 -23.42 4.71
CA PRO B 101 -3.94 -23.09 6.00
C PRO B 101 -5.44 -23.25 5.94
N PRO B 102 -6.14 -23.21 7.08
CA PRO B 102 -7.61 -23.39 7.04
C PRO B 102 -8.33 -22.31 6.27
N GLU B 103 -7.73 -21.13 6.08
CA GLU B 103 -8.42 -20.02 5.44
C GLU B 103 -8.67 -20.24 3.95
N TRP B 104 -7.95 -21.17 3.32
CA TRP B 104 -8.10 -21.35 1.89
C TRP B 104 -9.47 -21.89 1.52
N ALA B 105 -9.98 -22.87 2.27
CA ALA B 105 -11.25 -23.50 1.88
C ALA B 105 -12.41 -22.52 1.87
N PRO B 106 -12.61 -21.65 2.87
CA PRO B 106 -13.67 -20.64 2.74
C PRO B 106 -13.45 -19.67 1.59
N LEU B 107 -12.20 -19.29 1.34
CA LEU B 107 -11.91 -18.42 0.20
C LEU B 107 -12.29 -19.09 -1.11
N ALA B 108 -11.98 -20.38 -1.23
CA ALA B 108 -12.32 -21.11 -2.46
C ALA B 108 -13.82 -21.18 -2.66
N GLN B 109 -14.58 -21.42 -1.57
CA GLN B 109 -16.04 -21.50 -1.71
C GLN B 109 -16.62 -20.15 -2.08
N ARG B 110 -16.09 -19.07 -1.52
CA ARG B 110 -16.63 -17.74 -1.80
C ARG B 110 -16.32 -17.30 -3.22
N TRP B 111 -15.09 -17.51 -3.69
CA TRP B 111 -14.65 -16.94 -4.96
C TRP B 111 -14.76 -17.91 -6.14
N GLY B 112 -14.95 -19.21 -5.88
CA GLY B 112 -15.21 -20.14 -6.97
C GLY B 112 -14.06 -20.17 -7.96
N GLU B 113 -14.40 -20.13 -9.26
CA GLU B 113 -13.37 -20.28 -10.27
C GLU B 113 -12.46 -19.06 -10.39
N ARG B 114 -12.77 -17.96 -9.70
CA ARG B 114 -11.89 -16.81 -9.73
C ARG B 114 -10.59 -17.05 -8.97
N VAL B 115 -10.51 -18.08 -8.13
CA VAL B 115 -9.30 -18.37 -7.36
C VAL B 115 -8.91 -19.83 -7.54
N ARG B 116 -7.61 -20.09 -7.63
N ARG B 116 -7.61 -20.08 -7.65
CA ARG B 116 -7.07 -21.45 -7.65
CA ARG B 116 -7.04 -21.41 -7.65
C ARG B 116 -5.96 -21.55 -6.62
C ARG B 116 -5.99 -21.47 -6.55
N PHE B 117 -6.15 -22.41 -5.63
CA PHE B 117 -5.16 -22.64 -4.57
C PHE B 117 -4.38 -23.89 -4.93
N VAL B 118 -3.05 -23.80 -4.84
CA VAL B 118 -2.19 -24.97 -5.07
C VAL B 118 -1.24 -25.10 -3.89
N ALA B 119 -1.22 -26.28 -3.28
CA ALA B 119 -0.28 -26.58 -2.20
C ALA B 119 0.93 -27.26 -2.83
N CYS B 120 1.90 -26.46 -3.26
CA CYS B 120 3.11 -26.99 -3.88
C CYS B 120 4.18 -25.92 -3.80
N PRO B 121 5.45 -26.29 -4.04
CA PRO B 121 6.49 -25.27 -4.14
C PRO B 121 6.30 -24.42 -5.38
N VAL B 122 6.58 -23.12 -5.24
CA VAL B 122 6.45 -22.19 -6.37
C VAL B 122 7.18 -22.72 -7.60
N SER B 123 8.36 -23.31 -7.38
CA SER B 123 9.18 -23.73 -8.51
C SER B 123 8.59 -24.93 -9.25
N GLU B 124 7.53 -25.55 -8.72
CA GLU B 124 6.88 -26.68 -9.37
C GLU B 124 5.56 -26.29 -10.02
N LEU B 125 5.21 -25.01 -10.03
CA LEU B 125 3.98 -24.57 -10.69
C LEU B 125 4.18 -24.56 -12.20
N ASP B 126 3.43 -25.41 -12.89
CA ASP B 126 3.48 -25.54 -14.34
C ASP B 126 2.95 -24.29 -15.04
N GLY B 127 3.46 -24.04 -16.24
CA GLY B 127 2.86 -23.02 -17.07
C GLY B 127 3.82 -22.06 -17.73
N GLU B 128 3.34 -21.38 -18.77
CA GLU B 128 4.14 -20.38 -19.46
C GLU B 128 3.23 -19.27 -19.95
N ALA B 129 3.62 -18.03 -19.67
CA ALA B 129 2.89 -16.84 -20.14
C ALA B 129 1.42 -16.91 -19.73
N ARG B 130 1.19 -17.16 -18.44
CA ARG B 130 -0.14 -17.30 -17.90
C ARG B 130 -0.58 -16.11 -17.04
N PHE B 131 0.34 -15.35 -16.46
CA PHE B 131 -0.01 -14.31 -15.50
C PHE B 131 0.40 -12.93 -15.98
N ASP B 132 -0.47 -11.95 -15.71
CA ASP B 132 -0.14 -10.55 -15.98
C ASP B 132 0.68 -9.96 -14.86
N GLY B 133 0.50 -10.45 -13.64
CA GLY B 133 1.25 -9.98 -12.51
C GLY B 133 1.61 -11.14 -11.62
N ALA B 134 2.69 -10.97 -10.86
CA ALA B 134 3.09 -11.96 -9.88
C ALA B 134 3.60 -11.21 -8.65
N LEU B 135 3.18 -11.66 -7.47
CA LEU B 135 3.60 -11.07 -6.19
C LEU B 135 4.35 -12.12 -5.38
N ASP B 136 5.53 -11.76 -4.90
CA ASP B 136 6.30 -12.57 -3.97
C ASP B 136 6.40 -11.69 -2.72
N ASN B 137 5.50 -11.88 -1.77
CA ASN B 137 5.48 -11.06 -0.56
C ASN B 137 6.14 -11.86 0.56
N GLY B 138 7.47 -11.84 0.56
CA GLY B 138 8.23 -12.43 1.65
C GLY B 138 8.49 -13.91 1.53
N CYS B 139 8.50 -14.46 0.31
CA CYS B 139 8.77 -15.89 0.11
C CYS B 139 10.19 -16.16 -0.36
N LEU B 140 10.64 -15.48 -1.44
CA LEU B 140 11.96 -15.74 -2.00
C LEU B 140 13.06 -15.62 -0.95
N HIS B 141 12.95 -14.66 -0.05
CA HIS B 141 14.08 -14.45 0.86
C HIS B 141 14.23 -15.56 1.90
N HIS B 142 13.39 -16.59 1.88
CA HIS B 142 13.58 -17.78 2.70
C HIS B 142 14.12 -18.97 1.92
N GLN B 143 14.33 -18.83 0.62
CA GLN B 143 14.78 -19.96 -0.18
C GLN B 143 16.26 -20.23 0.02
N HIS B 144 16.65 -21.47 -0.24
CA HIS B 144 18.06 -21.80 -0.33
C HIS B 144 18.69 -20.95 -1.44
N PRO B 145 19.84 -20.32 -1.20
CA PRO B 145 20.42 -19.45 -2.24
C PRO B 145 20.67 -20.16 -3.56
N ASP B 146 20.99 -21.46 -3.55
CA ASP B 146 21.19 -22.17 -4.80
C ASP B 146 19.89 -22.41 -5.55
N ALA B 147 18.73 -22.18 -4.91
CA ALA B 147 17.44 -22.31 -5.55
C ALA B 147 16.89 -21.00 -6.11
N TYR B 148 17.54 -19.86 -5.84
CA TYR B 148 17.03 -18.57 -6.33
C TYR B 148 16.79 -18.61 -7.85
N GLY B 149 17.78 -19.10 -8.60
CA GLY B 149 17.69 -19.04 -10.05
C GLY B 149 16.52 -19.83 -10.59
N THR B 150 16.34 -21.07 -10.09
CA THR B 150 15.23 -21.91 -10.53
C THR B 150 13.89 -21.28 -10.18
N TYR B 151 13.79 -20.80 -8.94
CA TYR B 151 12.58 -20.14 -8.46
C TYR B 151 12.24 -18.93 -9.33
N LEU B 152 13.19 -18.02 -9.51
CA LEU B 152 12.93 -16.81 -10.30
C LEU B 152 12.68 -17.14 -11.76
N ALA B 153 13.31 -18.20 -12.28
CA ALA B 153 13.08 -18.56 -13.68
C ALA B 153 11.67 -19.09 -13.87
N ARG B 154 11.12 -19.77 -12.87
CA ARG B 154 9.76 -20.26 -12.99
C ARG B 154 8.79 -19.10 -13.02
N ILE B 155 8.97 -18.11 -12.13
CA ILE B 155 8.11 -16.93 -12.17
C ILE B 155 8.30 -16.18 -13.49
N HIS B 156 9.54 -16.05 -13.95
CA HIS B 156 9.81 -15.35 -15.20
C HIS B 156 9.08 -16.01 -16.36
N ALA B 157 9.05 -17.34 -16.41
CA ALA B 157 8.35 -18.03 -17.49
C ALA B 157 6.83 -17.95 -17.33
N LEU B 158 6.35 -17.99 -16.09
CA LEU B 158 4.91 -17.95 -15.84
C LEU B 158 4.30 -16.61 -16.23
N LEU B 159 5.10 -15.54 -16.19
CA LEU B 159 4.59 -14.21 -16.55
C LEU B 159 4.41 -14.09 -18.05
N ARG B 160 3.34 -13.39 -18.45
CA ARG B 160 3.18 -12.99 -19.84
C ARG B 160 4.30 -12.01 -20.21
N PRO B 161 4.52 -11.78 -21.52
CA PRO B 161 5.68 -10.96 -21.91
C PRO B 161 5.67 -9.55 -21.33
N ASP B 162 4.49 -8.95 -21.17
CA ASP B 162 4.38 -7.62 -20.60
C ASP B 162 4.09 -7.65 -19.09
N GLY B 163 4.28 -8.80 -18.46
CA GLY B 163 3.90 -8.96 -17.07
C GLY B 163 4.78 -8.16 -16.12
N ARG B 164 4.30 -8.05 -14.89
CA ARG B 164 5.02 -7.34 -13.83
C ARG B 164 5.18 -8.25 -12.63
N PHE B 165 6.34 -8.16 -11.98
CA PHE B 165 6.70 -8.98 -10.83
C PHE B 165 7.06 -8.02 -9.72
N THR B 166 6.37 -8.14 -8.59
CA THR B 166 6.67 -7.34 -7.40
C THR B 166 7.17 -8.29 -6.32
N ILE B 167 8.32 -7.99 -5.74
CA ILE B 167 8.91 -8.86 -4.74
C ILE B 167 9.23 -8.01 -3.51
N SER B 168 8.88 -8.52 -2.33
CA SER B 168 9.19 -7.87 -1.07
C SER B 168 10.15 -8.75 -0.29
N VAL B 169 11.26 -8.15 0.18
CA VAL B 169 12.29 -8.84 0.94
C VAL B 169 12.62 -8.00 2.17
N PHE B 170 13.23 -8.67 3.15
CA PHE B 170 13.84 -7.97 4.27
C PHE B 170 14.92 -7.03 3.76
N GLU B 171 14.88 -5.77 4.21
CA GLU B 171 15.93 -4.82 3.84
C GLU B 171 17.10 -4.93 4.81
N SER B 172 18.32 -4.95 4.26
CA SER B 172 19.53 -5.02 5.05
C SER B 172 20.02 -3.62 5.41
N ASP B 173 20.60 -3.51 6.60
CA ASP B 173 21.38 -2.36 7.02
C ASP B 173 22.84 -2.72 6.80
N GLY B 174 23.45 -2.11 5.79
CA GLY B 174 24.78 -2.50 5.36
C GLY B 174 24.68 -3.66 4.39
N PRO B 175 25.82 -4.22 3.99
CA PRO B 175 25.80 -5.33 3.03
C PRO B 175 24.91 -6.47 3.51
N GLY B 176 24.13 -7.03 2.58
CA GLY B 176 23.14 -8.02 2.96
C GLY B 176 23.78 -9.36 3.28
N ARG B 177 23.25 -10.03 4.30
CA ARG B 177 23.79 -11.31 4.75
C ARG B 177 22.67 -12.33 4.87
N LEU B 178 23.07 -13.59 4.99
CA LEU B 178 22.16 -14.72 5.16
C LEU B 178 22.12 -15.11 6.63
N TYR B 179 20.91 -15.22 7.17
CA TYR B 179 20.70 -15.56 8.57
C TYR B 179 19.84 -16.82 8.65
N ALA B 180 19.78 -17.40 9.84
CA ALA B 180 18.88 -18.52 10.09
C ALA B 180 18.26 -18.36 11.47
N ASN B 181 17.01 -18.83 11.61
CA ASN B 181 16.41 -18.89 12.92
C ASN B 181 16.78 -20.21 13.59
N HIS B 182 16.28 -20.43 14.82
CA HIS B 182 16.66 -21.60 15.58
C HIS B 182 16.23 -22.89 14.89
N ALA B 183 15.10 -22.88 14.18
CA ALA B 183 14.62 -24.04 13.46
C ALA B 183 15.33 -24.23 12.12
N GLN B 184 16.35 -23.43 11.83
CA GLN B 184 17.20 -23.52 10.64
C GLN B 184 16.53 -22.99 9.37
N ARG B 185 15.43 -22.25 9.50
N ARG B 185 15.46 -22.23 9.50
CA ARG B 185 14.87 -21.51 8.38
CA ARG B 185 14.89 -21.54 8.35
C ARG B 185 15.80 -20.36 8.00
C ARG B 185 15.75 -20.33 7.99
N LEU B 186 16.01 -20.17 6.70
CA LEU B 186 16.90 -19.12 6.21
C LEU B 186 16.17 -17.80 6.04
N TYR B 187 16.90 -16.71 6.26
CA TYR B 187 16.43 -15.33 6.07
C TYR B 187 17.55 -14.57 5.39
N ARG B 188 17.32 -14.11 4.16
CA ARG B 188 18.29 -13.26 3.47
C ARG B 188 17.80 -11.81 3.52
N GLU B 189 18.68 -10.90 3.96
CA GLU B 189 18.43 -9.47 3.91
C GLU B 189 19.16 -8.88 2.71
N PHE B 190 18.50 -7.96 2.00
CA PHE B 190 19.04 -7.37 0.76
C PHE B 190 19.19 -5.86 0.91
N THR B 191 20.27 -5.32 0.35
CA THR B 191 20.25 -3.92 -0.03
C THR B 191 19.54 -3.76 -1.36
N GLU B 192 19.20 -2.51 -1.68
CA GLU B 192 18.54 -2.28 -2.96
C GLU B 192 19.42 -2.67 -4.14
N PRO B 193 20.73 -2.32 -4.18
CA PRO B 193 21.56 -2.80 -5.30
C PRO B 193 21.69 -4.31 -5.36
N GLU B 194 21.70 -5.00 -4.21
CA GLU B 194 21.78 -6.46 -4.26
C GLU B 194 20.51 -7.07 -4.84
N LEU B 195 19.34 -6.56 -4.44
CA LEU B 195 18.10 -7.11 -4.98
C LEU B 195 17.98 -6.80 -6.47
N ALA B 196 18.37 -5.59 -6.89
CA ALA B 196 18.33 -5.24 -8.31
C ALA B 196 19.26 -6.13 -9.12
N GLU B 197 20.45 -6.41 -8.58
CA GLU B 197 21.40 -7.29 -9.26
C GLU B 197 20.86 -8.71 -9.37
N LEU B 198 20.17 -9.19 -8.33
CA LEU B 198 19.57 -10.52 -8.39
C LEU B 198 18.49 -10.58 -9.46
N LEU B 199 17.63 -9.58 -9.51
CA LEU B 199 16.59 -9.56 -10.52
C LEU B 199 17.19 -9.49 -11.92
N ARG B 200 18.21 -8.64 -12.12
N ARG B 200 18.21 -8.67 -12.12
CA ARG B 200 18.85 -8.54 -13.42
CA ARG B 200 18.82 -8.56 -13.44
C ARG B 200 19.45 -9.87 -13.85
C ARG B 200 19.48 -9.87 -13.86
N ALA B 201 20.07 -10.59 -12.91
CA ALA B 201 20.62 -11.90 -13.23
C ALA B 201 19.53 -12.90 -13.62
N ALA B 202 18.30 -12.69 -13.13
CA ALA B 202 17.16 -13.51 -13.51
C ALA B 202 16.37 -12.94 -14.69
N HIS B 203 16.99 -12.04 -15.46
CA HIS B 203 16.41 -11.48 -16.69
C HIS B 203 15.16 -10.65 -16.41
N PHE B 204 15.15 -9.97 -15.25
CA PHE B 204 14.17 -8.97 -14.88
C PHE B 204 14.83 -7.60 -14.88
N THR B 205 14.08 -6.59 -15.27
CA THR B 205 14.55 -5.20 -15.21
C THR B 205 13.71 -4.44 -14.19
N PRO B 206 14.29 -4.00 -13.08
CA PRO B 206 13.50 -3.24 -12.10
C PRO B 206 12.92 -1.97 -12.70
N VAL B 207 11.69 -1.66 -12.32
CA VAL B 207 11.05 -0.41 -12.72
C VAL B 207 10.59 0.43 -11.53
N ASP B 208 10.63 -0.10 -10.31
CA ASP B 208 10.11 0.59 -9.14
C ASP B 208 10.80 -0.03 -7.94
N SER B 209 11.03 0.79 -6.91
CA SER B 209 11.62 0.27 -5.69
C SER B 209 11.12 1.15 -4.55
N GLN B 210 10.61 0.53 -3.48
CA GLN B 210 10.09 1.28 -2.34
C GLN B 210 10.60 0.69 -1.05
N ARG B 211 10.88 1.55 -0.08
CA ARG B 211 11.25 1.14 1.27
C ARG B 211 10.00 1.29 2.14
N VAL B 212 9.47 0.16 2.60
CA VAL B 212 8.23 0.16 3.39
C VAL B 212 8.62 0.04 4.87
N PRO B 213 8.25 1.00 5.70
CA PRO B 213 8.64 0.92 7.12
C PRO B 213 7.88 -0.19 7.85
N ARG B 214 8.58 -0.84 8.78
CA ARG B 214 7.98 -1.84 9.66
C ARG B 214 8.05 -1.28 11.08
N PRO B 215 7.04 -0.50 11.50
CA PRO B 215 7.21 0.31 12.72
C PRO B 215 7.43 -0.52 13.98
N LYS B 216 6.67 -1.60 14.17
CA LYS B 216 6.82 -2.35 15.41
C LYS B 216 8.15 -3.10 15.45
N ALA B 217 8.62 -3.59 14.28
CA ALA B 217 9.91 -4.26 14.22
C ALA B 217 11.08 -3.29 14.21
N GLY B 218 10.85 -2.03 13.89
CA GLY B 218 11.96 -1.10 13.71
C GLY B 218 12.80 -1.39 12.49
N LEU B 219 12.20 -1.94 11.44
CA LEU B 219 12.92 -2.38 10.24
C LEU B 219 12.23 -1.86 8.99
N HIS B 220 12.65 -2.34 7.82
CA HIS B 220 11.99 -2.02 6.56
C HIS B 220 11.88 -3.25 5.68
N TYR B 221 10.85 -3.29 4.84
CA TYR B 221 10.80 -4.16 3.68
C TYR B 221 11.28 -3.37 2.46
N LEU B 222 11.97 -4.07 1.57
CA LEU B 222 12.34 -3.53 0.27
C LEU B 222 11.41 -4.17 -0.75
N VAL B 223 10.57 -3.36 -1.40
CA VAL B 223 9.57 -3.86 -2.34
C VAL B 223 9.95 -3.35 -3.73
N MET B 224 10.35 -4.26 -4.61
CA MET B 224 10.85 -3.92 -5.93
C MET B 224 9.92 -4.54 -6.96
N THR B 225 9.61 -3.79 -8.01
CA THR B 225 8.80 -4.27 -9.11
C THR B 225 9.64 -4.27 -10.38
N ALA B 226 9.44 -5.27 -11.22
CA ALA B 226 10.28 -5.45 -12.38
C ALA B 226 9.44 -5.92 -13.56
N ARG B 227 9.95 -5.64 -14.74
CA ARG B 227 9.45 -6.22 -15.98
C ARG B 227 10.50 -7.20 -16.50
N LYS B 228 10.11 -7.97 -17.51
CA LYS B 228 11.09 -8.83 -18.18
C LYS B 228 12.10 -7.97 -18.91
N THR B 229 13.37 -8.38 -18.84
CA THR B 229 14.42 -7.69 -19.59
C THR B 229 14.24 -7.99 -21.07
N ASP B 230 14.28 -6.95 -21.90
CA ASP B 230 14.17 -7.15 -23.34
C ASP B 230 15.26 -6.38 -24.08
#